data_1OHN
#
_entry.id   1OHN
#
_cell.length_a   1.000
_cell.length_b   1.000
_cell.length_c   1.000
_cell.angle_alpha   90.00
_cell.angle_beta   90.00
_cell.angle_gamma   90.00
#
_symmetry.space_group_name_H-M   'P 1'
#
_entity_poly.entity_id   1
_entity_poly.type   'polypeptide(L)'
_entity_poly.pdbx_seq_one_letter_code
;KYYGNGVHCGKHSCTVDWGTAIGNIGNNAAANWATGGNAGWNK
;
_entity_poly.pdbx_strand_id   A
#
# COMPACT_ATOMS: atom_id res chain seq x y z
N LYS A 1 18.07 0.73 3.94
CA LYS A 1 17.14 0.34 2.84
C LYS A 1 15.79 1.04 2.90
N TYR A 2 15.12 1.13 4.06
CA TYR A 2 13.68 1.51 4.19
C TYR A 2 13.45 2.86 4.94
N TYR A 3 14.52 3.60 5.27
CA TYR A 3 14.48 4.59 6.35
C TYR A 3 13.77 5.93 6.06
N GLY A 4 13.52 6.27 4.79
CA GLY A 4 13.13 7.66 4.41
C GLY A 4 12.42 7.82 3.08
N ASN A 5 12.51 9.02 2.48
CA ASN A 5 11.69 9.49 1.35
C ASN A 5 11.65 8.54 0.13
N GLY A 6 12.80 8.32 -0.55
CA GLY A 6 12.84 7.63 -1.87
C GLY A 6 13.74 6.40 -1.93
N VAL A 7 14.41 6.07 -0.82
CA VAL A 7 15.53 5.10 -0.70
C VAL A 7 15.18 3.67 -1.15
N HIS A 8 14.11 3.09 -0.60
CA HIS A 8 13.53 1.75 -0.86
C HIS A 8 13.15 1.60 -2.34
N CYS A 9 14.02 0.99 -3.15
CA CYS A 9 13.79 0.86 -4.60
C CYS A 9 14.18 -0.53 -5.15
N GLY A 10 13.26 -1.51 -5.15
CA GLY A 10 11.84 -1.43 -4.71
C GLY A 10 10.88 -1.06 -5.83
N LYS A 11 10.43 -2.03 -6.63
CA LYS A 11 9.43 -1.95 -7.71
C LYS A 11 9.81 -1.00 -8.89
N HIS A 12 11.06 -0.51 -8.94
CA HIS A 12 11.66 0.45 -9.90
C HIS A 12 11.04 1.87 -9.88
N SER A 13 9.80 2.03 -9.43
CA SER A 13 9.12 3.29 -9.08
C SER A 13 9.59 3.90 -7.74
N CYS A 14 10.36 3.13 -6.97
CA CYS A 14 10.80 3.43 -5.61
C CYS A 14 9.61 3.60 -4.64
N THR A 15 9.06 2.47 -4.22
CA THR A 15 7.69 2.21 -3.73
C THR A 15 7.15 3.04 -2.54
N VAL A 16 7.92 3.95 -1.94
CA VAL A 16 7.65 4.77 -0.72
C VAL A 16 7.55 3.89 0.54
N ASP A 17 7.86 4.43 1.73
CA ASP A 17 7.84 3.73 3.01
C ASP A 17 6.48 3.15 3.45
N TRP A 18 5.38 3.57 2.79
CA TRP A 18 4.02 3.04 2.94
C TRP A 18 3.72 1.74 2.13
N GLY A 19 4.66 1.32 1.27
CA GLY A 19 4.53 0.34 0.18
C GLY A 19 3.42 -0.73 0.32
N THR A 20 3.63 -1.71 1.21
CA THR A 20 2.74 -2.88 1.35
C THR A 20 1.35 -2.54 1.91
N ALA A 21 1.21 -1.50 2.74
CA ALA A 21 -0.09 -1.01 3.20
C ALA A 21 -0.94 -0.44 2.06
N ILE A 22 -0.35 0.47 1.26
CA ILE A 22 -0.97 0.99 0.04
C ILE A 22 -1.23 -0.13 -0.99
N GLY A 23 -0.37 -1.16 -1.09
CA GLY A 23 -0.63 -2.36 -1.87
C GLY A 23 -1.91 -3.10 -1.48
N ASN A 24 -2.06 -3.44 -0.18
CA ASN A 24 -3.26 -4.08 0.37
C ASN A 24 -4.53 -3.24 0.17
N ILE A 25 -4.44 -1.93 0.43
CA ILE A 25 -5.47 -0.93 0.18
C ILE A 25 -5.93 -0.96 -1.26
N GLY A 26 -5.02 -0.77 -2.23
CA GLY A 26 -5.36 -0.77 -3.67
C GLY A 26 -5.94 -2.10 -4.16
N ASN A 27 -5.43 -3.23 -3.68
CA ASN A 27 -5.96 -4.57 -3.95
C ASN A 27 -7.43 -4.74 -3.50
N ASN A 28 -7.75 -4.40 -2.24
CA ASN A 28 -9.11 -4.53 -1.73
C ASN A 28 -10.07 -3.42 -2.21
N ALA A 29 -9.54 -2.26 -2.62
CA ALA A 29 -10.32 -1.26 -3.36
C ALA A 29 -10.89 -1.85 -4.66
N ALA A 30 -10.05 -2.49 -5.47
CA ALA A 30 -10.46 -3.19 -6.69
C ALA A 30 -11.40 -4.36 -6.39
N ALA A 31 -11.13 -5.16 -5.34
CA ALA A 31 -11.90 -6.36 -5.03
C ALA A 31 -13.29 -6.10 -4.41
N ASN A 32 -13.40 -5.13 -3.49
CA ASN A 32 -14.52 -5.01 -2.55
C ASN A 32 -15.18 -3.62 -2.53
N TRP A 33 -14.56 -2.52 -3.01
CA TRP A 33 -15.20 -1.19 -2.88
C TRP A 33 -16.44 -0.98 -3.75
N ALA A 34 -16.80 -1.93 -4.61
CA ALA A 34 -18.13 -1.99 -5.23
C ALA A 34 -19.27 -2.04 -4.18
N THR A 35 -19.00 -2.63 -3.00
CA THR A 35 -19.92 -2.66 -1.84
C THR A 35 -19.86 -1.39 -0.97
N GLY A 36 -18.95 -0.46 -1.29
CA GLY A 36 -18.54 0.61 -0.39
C GLY A 36 -17.46 0.21 0.64
N GLY A 37 -16.86 -0.99 0.51
CA GLY A 37 -15.87 -1.55 1.43
C GLY A 37 -16.50 -2.23 2.65
N ASN A 38 -17.56 -3.05 2.41
CA ASN A 38 -18.31 -3.78 3.43
C ASN A 38 -17.45 -4.70 4.30
N ALA A 39 -16.41 -5.31 3.74
CA ALA A 39 -15.33 -5.99 4.47
C ALA A 39 -14.09 -5.08 4.61
N GLY A 40 -13.62 -4.54 3.49
CA GLY A 40 -12.55 -3.54 3.43
C GLY A 40 -11.14 -4.13 3.25
N TRP A 41 -10.12 -3.26 3.26
CA TRP A 41 -8.69 -3.61 3.37
C TRP A 41 -8.30 -4.09 4.78
N ASN A 42 -7.00 -4.36 5.02
CA ASN A 42 -6.40 -4.83 6.28
C ASN A 42 -7.05 -4.25 7.57
N LYS A 43 -7.91 -5.05 8.23
CA LYS A 43 -8.72 -4.66 9.40
C LYS A 43 -7.92 -4.56 10.72
N LYS A 1 -9.08 0.18 -1.73
CA LYS A 1 -10.30 0.97 -1.38
C LYS A 1 -9.98 2.01 -0.29
N TYR A 2 -10.97 2.79 0.12
CA TYR A 2 -10.92 3.87 1.11
C TYR A 2 -10.99 3.36 2.56
N TYR A 3 -11.84 2.34 2.77
CA TYR A 3 -12.30 1.75 4.04
C TYR A 3 -13.13 0.51 3.68
N GLY A 4 -12.80 -0.64 4.28
CA GLY A 4 -13.49 -1.90 4.01
C GLY A 4 -14.78 -2.12 4.81
N ASN A 5 -15.61 -3.05 4.32
CA ASN A 5 -16.84 -3.48 5.01
C ASN A 5 -16.54 -4.19 6.35
N GLY A 6 -15.35 -4.83 6.47
CA GLY A 6 -14.74 -5.34 7.71
C GLY A 6 -13.49 -4.55 8.07
N VAL A 7 -13.61 -3.23 8.03
CA VAL A 7 -12.59 -2.16 8.20
C VAL A 7 -11.55 -2.10 7.08
N HIS A 8 -11.14 -3.24 6.55
CA HIS A 8 -10.00 -3.39 5.62
C HIS A 8 -10.25 -4.27 4.37
N CYS A 9 -11.45 -4.83 4.16
CA CYS A 9 -11.70 -5.87 3.15
C CYS A 9 -12.59 -5.32 2.02
N GLY A 10 -12.29 -5.64 0.76
CA GLY A 10 -13.10 -5.36 -0.44
C GLY A 10 -13.68 -6.65 -1.02
N LYS A 11 -12.82 -7.47 -1.65
CA LYS A 11 -13.21 -8.76 -2.28
C LYS A 11 -12.40 -9.96 -1.81
N HIS A 12 -11.21 -9.77 -1.21
CA HIS A 12 -10.35 -10.87 -0.71
C HIS A 12 -9.26 -10.44 0.29
N SER A 13 -8.74 -9.22 0.20
CA SER A 13 -7.54 -8.78 0.94
C SER A 13 -7.92 -7.82 2.07
N CYS A 14 -7.94 -8.31 3.30
CA CYS A 14 -8.24 -7.51 4.50
C CYS A 14 -7.08 -6.59 4.95
N THR A 15 -6.46 -5.86 4.02
CA THR A 15 -5.54 -4.73 4.23
C THR A 15 -5.90 -3.62 3.23
N VAL A 16 -6.95 -2.86 3.58
CA VAL A 16 -7.71 -1.89 2.75
C VAL A 16 -7.91 -2.26 1.27
N ASP A 17 -8.07 -3.57 1.00
CA ASP A 17 -8.06 -4.28 -0.30
C ASP A 17 -6.92 -3.98 -1.30
N TRP A 18 -6.13 -2.91 -1.11
CA TRP A 18 -4.98 -2.49 -1.95
C TRP A 18 -3.64 -3.20 -1.62
N GLY A 19 -3.65 -4.16 -0.69
CA GLY A 19 -2.46 -4.67 0.03
C GLY A 19 -1.27 -5.12 -0.83
N THR A 20 -1.51 -5.65 -2.04
CA THR A 20 -0.44 -6.11 -2.95
C THR A 20 0.30 -4.96 -3.62
N ALA A 21 -0.41 -3.89 -4.01
CA ALA A 21 0.25 -2.66 -4.48
C ALA A 21 1.11 -2.03 -3.37
N ILE A 22 0.58 -1.96 -2.14
CA ILE A 22 1.32 -1.49 -0.96
C ILE A 22 2.52 -2.40 -0.63
N GLY A 23 2.39 -3.72 -0.84
CA GLY A 23 3.48 -4.69 -0.74
C GLY A 23 4.62 -4.39 -1.70
N ASN A 24 4.32 -4.21 -2.99
CA ASN A 24 5.29 -3.87 -4.02
C ASN A 24 6.03 -2.55 -3.70
N ILE A 25 5.27 -1.49 -3.38
CA ILE A 25 5.79 -0.17 -2.96
C ILE A 25 6.71 -0.32 -1.75
N GLY A 26 6.21 -0.91 -0.66
CA GLY A 26 6.92 -1.06 0.61
C GLY A 26 8.21 -1.89 0.50
N ASN A 27 8.17 -3.04 -0.20
CA ASN A 27 9.32 -3.91 -0.41
C ASN A 27 10.49 -3.20 -1.11
N ASN A 28 10.26 -2.64 -2.31
CA ASN A 28 11.30 -1.93 -3.07
C ASN A 28 11.67 -0.55 -2.50
N ALA A 29 10.76 0.12 -1.77
CA ALA A 29 11.11 1.30 -0.99
C ALA A 29 12.16 0.93 0.08
N ALA A 30 11.92 -0.12 0.88
CA ALA A 30 12.86 -0.62 1.87
C ALA A 30 14.17 -1.18 1.25
N ALA A 31 14.12 -1.67 0.02
CA ALA A 31 15.31 -2.11 -0.74
C ALA A 31 16.25 -0.95 -1.07
N ASN A 32 15.76 0.21 -1.54
CA ASN A 32 16.59 1.37 -1.87
C ASN A 32 15.92 2.76 -1.78
N TRP A 33 14.61 2.91 -2.01
CA TRP A 33 14.00 4.23 -2.25
C TRP A 33 13.85 5.08 -0.96
N ALA A 34 13.60 4.44 0.18
CA ALA A 34 13.34 5.07 1.48
C ALA A 34 14.56 5.82 2.09
N THR A 35 15.75 5.63 1.52
CA THR A 35 17.02 6.30 1.87
C THR A 35 17.70 7.00 0.68
N GLY A 36 17.07 6.98 -0.49
CA GLY A 36 17.58 7.53 -1.74
C GLY A 36 17.40 9.05 -1.94
N GLY A 37 16.55 9.70 -1.14
CA GLY A 37 16.33 11.14 -1.16
C GLY A 37 15.09 11.60 -0.38
N ASN A 38 14.87 12.90 -0.29
CA ASN A 38 13.64 13.51 0.26
C ASN A 38 12.41 13.25 -0.63
N ALA A 39 11.20 13.34 -0.04
CA ALA A 39 9.89 13.03 -0.64
C ALA A 39 9.76 11.60 -1.21
N GLY A 40 10.33 11.32 -2.40
CA GLY A 40 10.38 10.00 -3.04
C GLY A 40 9.04 9.48 -3.56
N TRP A 41 9.01 8.15 -3.73
CA TRP A 41 7.88 7.34 -4.18
C TRP A 41 6.62 7.59 -3.34
N ASN A 42 5.47 7.73 -4.02
CA ASN A 42 4.12 7.70 -3.41
C ASN A 42 3.89 6.42 -2.59
N LYS A 43 2.99 6.49 -1.60
CA LYS A 43 2.66 5.44 -0.62
C LYS A 43 1.14 5.23 -0.43
N LYS A 1 13.71 4.96 -4.20
CA LYS A 1 14.74 3.91 -4.50
C LYS A 1 14.79 3.59 -6.00
N TYR A 2 15.75 2.76 -6.45
CA TYR A 2 16.14 2.61 -7.85
C TYR A 2 15.08 2.01 -8.80
N TYR A 3 14.08 1.30 -8.26
CA TYR A 3 13.08 0.50 -8.99
C TYR A 3 11.71 0.46 -8.26
N GLY A 4 10.70 -0.20 -8.85
CA GLY A 4 9.27 0.00 -8.49
C GLY A 4 8.56 -1.25 -7.93
N ASN A 5 9.18 -2.43 -7.86
CA ASN A 5 8.55 -3.68 -7.41
C ASN A 5 9.02 -4.07 -5.97
N GLY A 6 9.91 -5.06 -5.82
CA GLY A 6 10.28 -5.66 -4.52
C GLY A 6 11.60 -5.16 -3.92
N VAL A 7 12.17 -4.09 -4.52
CA VAL A 7 13.51 -3.55 -4.21
C VAL A 7 13.63 -2.81 -2.87
N HIS A 8 12.49 -2.36 -2.34
CA HIS A 8 12.37 -1.21 -1.40
C HIS A 8 12.89 -1.50 0.03
N CYS A 9 12.98 -0.41 0.79
CA CYS A 9 13.32 -0.35 2.22
C CYS A 9 14.78 -0.71 2.55
N GLY A 10 15.07 -0.80 3.83
CA GLY A 10 16.40 -1.02 4.43
C GLY A 10 16.44 -0.44 5.86
N LYS A 11 16.79 0.84 5.98
CA LYS A 11 16.69 1.65 7.22
C LYS A 11 15.26 2.13 7.46
N HIS A 12 14.34 1.16 7.66
CA HIS A 12 12.89 1.24 7.97
C HIS A 12 11.98 2.16 7.12
N SER A 13 12.52 2.93 6.16
CA SER A 13 11.83 3.88 5.30
C SER A 13 11.17 3.17 4.09
N CYS A 14 10.20 2.29 4.36
CA CYS A 14 9.58 1.42 3.35
C CYS A 14 8.54 2.17 2.48
N THR A 15 8.43 1.76 1.21
CA THR A 15 7.50 2.31 0.20
C THR A 15 7.26 1.30 -0.94
N VAL A 16 6.37 1.61 -1.89
CA VAL A 16 6.16 0.93 -3.18
C VAL A 16 5.72 1.97 -4.24
N ASP A 17 6.02 1.75 -5.54
CA ASP A 17 5.49 2.55 -6.64
C ASP A 17 4.00 2.20 -6.95
N TRP A 18 3.10 2.59 -6.04
CA TRP A 18 1.69 2.10 -6.00
C TRP A 18 0.63 3.10 -5.51
N GLY A 19 0.88 4.42 -5.60
CA GLY A 19 0.03 5.48 -5.01
C GLY A 19 -1.47 5.42 -5.35
N THR A 20 -1.85 4.91 -6.52
CA THR A 20 -3.27 4.62 -6.87
C THR A 20 -3.89 3.48 -6.05
N ALA A 21 -3.15 2.42 -5.75
CA ALA A 21 -3.56 1.37 -4.82
C ALA A 21 -3.73 1.90 -3.38
N ILE A 22 -2.90 2.85 -2.94
CA ILE A 22 -3.11 3.60 -1.68
C ILE A 22 -4.48 4.30 -1.70
N GLY A 23 -4.86 4.90 -2.83
CA GLY A 23 -6.16 5.52 -3.02
C GLY A 23 -7.32 4.52 -2.85
N ASN A 24 -7.27 3.38 -3.56
CA ASN A 24 -8.20 2.27 -3.44
C ASN A 24 -8.32 1.74 -2.00
N ILE A 25 -7.20 1.50 -1.30
CA ILE A 25 -7.12 1.11 0.12
C ILE A 25 -7.87 2.12 1.01
N GLY A 26 -7.59 3.42 0.85
CA GLY A 26 -8.25 4.50 1.57
C GLY A 26 -9.77 4.56 1.34
N ASN A 27 -10.21 4.46 0.09
CA ASN A 27 -11.63 4.42 -0.27
C ASN A 27 -12.36 3.23 0.39
N ASN A 28 -11.73 2.04 0.46
CA ASN A 28 -12.28 0.85 1.10
C ASN A 28 -12.30 0.93 2.64
N ALA A 29 -11.26 1.51 3.23
CA ALA A 29 -11.25 1.87 4.65
C ALA A 29 -12.44 2.82 4.97
N ALA A 30 -12.64 3.85 4.15
CA ALA A 30 -13.76 4.77 4.26
C ALA A 30 -15.12 4.11 3.95
N ALA A 31 -15.17 3.00 3.21
CA ALA A 31 -16.41 2.27 2.98
C ALA A 31 -16.94 1.58 4.26
N ASN A 32 -16.20 0.59 4.79
CA ASN A 32 -16.61 -0.21 5.97
C ASN A 32 -15.49 -0.63 6.92
N TRP A 33 -14.21 -0.28 6.64
CA TRP A 33 -13.03 -0.83 7.31
C TRP A 33 -12.03 0.22 7.80
N ALA A 34 -12.53 1.23 8.53
CA ALA A 34 -11.79 2.44 8.91
C ALA A 34 -10.55 2.17 9.80
N THR A 35 -10.53 1.06 10.54
CA THR A 35 -9.37 0.59 11.32
C THR A 35 -8.18 0.13 10.45
N GLY A 36 -8.42 -0.16 9.17
CA GLY A 36 -7.44 -0.61 8.17
C GLY A 36 -7.02 -2.09 8.33
N GLY A 37 -6.13 -2.55 7.45
CA GLY A 37 -5.50 -3.86 7.51
C GLY A 37 -6.42 -5.07 7.26
N ASN A 38 -7.62 -4.85 6.71
CA ASN A 38 -8.65 -5.91 6.53
C ASN A 38 -9.48 -5.72 5.23
N ALA A 39 -10.22 -6.75 4.85
CA ALA A 39 -10.99 -6.91 3.60
C ALA A 39 -10.13 -6.92 2.30
N GLY A 40 -10.79 -7.12 1.13
CA GLY A 40 -10.14 -7.36 -0.15
C GLY A 40 -10.25 -6.16 -1.10
N TRP A 41 -9.59 -5.06 -0.78
CA TRP A 41 -9.69 -3.78 -1.49
C TRP A 41 -9.40 -3.82 -3.01
N ASN A 42 -8.47 -4.68 -3.45
CA ASN A 42 -8.20 -5.01 -4.87
C ASN A 42 -7.71 -6.45 -5.09
N LYS A 43 -8.05 -7.30 -4.13
CA LYS A 43 -7.59 -8.70 -3.97
C LYS A 43 -8.47 -9.65 -4.80
N LYS A 1 20.15 5.03 -0.98
CA LYS A 1 18.74 5.26 -1.40
C LYS A 1 17.76 4.54 -0.45
N TYR A 2 17.60 3.21 -0.59
CA TYR A 2 16.59 2.44 0.14
C TYR A 2 16.89 2.34 1.65
N TYR A 3 15.83 2.24 2.47
CA TYR A 3 15.89 2.33 3.95
C TYR A 3 15.12 1.25 4.73
N GLY A 4 14.23 0.49 4.10
CA GLY A 4 13.40 -0.55 4.73
C GLY A 4 13.86 -1.98 4.44
N ASN A 5 15.08 -2.16 3.94
CA ASN A 5 15.66 -3.38 3.34
C ASN A 5 14.65 -4.11 2.42
N GLY A 6 13.88 -3.32 1.65
CA GLY A 6 12.75 -3.76 0.83
C GLY A 6 11.85 -2.63 0.32
N VAL A 7 12.01 -1.38 0.75
CA VAL A 7 11.42 -0.20 0.09
C VAL A 7 12.02 -0.02 -1.31
N HIS A 8 11.41 0.85 -2.11
CA HIS A 8 11.79 1.09 -3.51
C HIS A 8 11.39 2.50 -3.98
N CYS A 9 12.22 3.52 -3.71
CA CYS A 9 11.97 4.90 -4.11
C CYS A 9 11.94 5.12 -5.63
N GLY A 10 12.65 4.33 -6.44
CA GLY A 10 12.86 4.61 -7.87
C GLY A 10 13.51 5.99 -8.10
N LYS A 11 12.72 7.01 -8.44
CA LYS A 11 13.08 8.44 -8.42
C LYS A 11 12.78 9.05 -7.05
N HIS A 12 11.52 9.18 -6.65
CA HIS A 12 11.04 9.69 -5.35
C HIS A 12 9.75 9.01 -4.80
N SER A 13 9.28 7.93 -5.41
CA SER A 13 8.08 7.13 -5.10
C SER A 13 8.27 6.21 -3.88
N CYS A 14 8.91 6.70 -2.80
CA CYS A 14 9.28 5.93 -1.61
C CYS A 14 8.08 5.36 -0.83
N THR A 15 7.89 4.03 -0.87
CA THR A 15 7.08 3.25 0.08
C THR A 15 7.64 1.82 0.24
N VAL A 16 7.15 1.11 1.26
CA VAL A 16 7.75 -0.09 1.86
C VAL A 16 7.60 -1.36 1.01
N ASP A 17 8.27 -2.43 1.42
CA ASP A 17 8.12 -3.83 0.92
C ASP A 17 6.66 -4.33 0.84
N TRP A 18 5.73 -3.69 1.56
CA TRP A 18 4.27 -3.94 1.55
C TRP A 18 3.54 -3.58 0.24
N GLY A 19 4.25 -3.04 -0.76
CA GLY A 19 3.74 -2.49 -2.04
C GLY A 19 2.55 -3.24 -2.65
N THR A 20 2.65 -4.55 -2.81
CA THR A 20 1.58 -5.38 -3.41
C THR A 20 0.42 -5.69 -2.44
N ALA A 21 0.67 -5.76 -1.13
CA ALA A 21 -0.34 -5.89 -0.10
C ALA A 21 -1.22 -4.62 -0.05
N ILE A 22 -0.64 -3.42 0.07
CA ILE A 22 -1.37 -2.18 0.03
C ILE A 22 -2.05 -1.95 -1.32
N GLY A 23 -1.50 -2.49 -2.43
CA GLY A 23 -2.13 -2.52 -3.75
C GLY A 23 -3.42 -3.34 -3.78
N ASN A 24 -3.37 -4.59 -3.30
CA ASN A 24 -4.51 -5.49 -3.14
C ASN A 24 -5.59 -4.90 -2.23
N ILE A 25 -5.20 -4.34 -1.08
CA ILE A 25 -6.10 -3.69 -0.12
C ILE A 25 -6.81 -2.47 -0.78
N GLY A 26 -6.05 -1.55 -1.38
CA GLY A 26 -6.56 -0.35 -2.04
C GLY A 26 -7.51 -0.62 -3.21
N ASN A 27 -7.20 -1.63 -4.02
CA ASN A 27 -8.08 -2.16 -5.06
C ASN A 27 -9.43 -2.62 -4.47
N ASN A 28 -9.40 -3.42 -3.40
CA ASN A 28 -10.62 -3.90 -2.72
C ASN A 28 -11.39 -2.83 -1.91
N ALA A 29 -10.74 -1.78 -1.40
CA ALA A 29 -11.39 -0.57 -0.93
C ALA A 29 -12.22 0.08 -2.06
N ALA A 30 -11.63 0.27 -3.24
CA ALA A 30 -12.35 0.79 -4.42
C ALA A 30 -13.49 -0.13 -4.90
N ALA A 31 -13.30 -1.45 -4.77
CA ALA A 31 -14.30 -2.45 -5.20
C ALA A 31 -15.48 -2.66 -4.23
N ASN A 32 -15.28 -2.49 -2.91
CA ASN A 32 -16.26 -2.91 -1.88
C ASN A 32 -16.72 -1.80 -0.92
N TRP A 33 -15.92 -0.74 -0.72
CA TRP A 33 -16.12 0.22 0.37
C TRP A 33 -16.15 1.69 -0.05
N ALA A 34 -15.55 2.07 -1.18
CA ALA A 34 -15.66 3.39 -1.81
C ALA A 34 -17.08 3.75 -2.28
N THR A 35 -18.01 2.78 -2.23
CA THR A 35 -19.46 2.95 -2.41
C THR A 35 -20.13 3.76 -1.28
N GLY A 36 -19.45 3.92 -0.13
CA GLY A 36 -19.96 4.62 1.07
C GLY A 36 -19.89 3.80 2.37
N GLY A 37 -19.40 2.56 2.30
CA GLY A 37 -19.14 1.70 3.46
C GLY A 37 -17.82 2.01 4.20
N ASN A 38 -17.45 1.16 5.16
CA ASN A 38 -16.25 1.28 6.00
C ASN A 38 -15.45 -0.04 5.97
N ALA A 39 -14.25 -0.02 5.38
CA ALA A 39 -13.37 -1.16 5.27
C ALA A 39 -12.84 -1.68 6.63
N GLY A 40 -12.43 -2.96 6.67
CA GLY A 40 -11.74 -3.61 7.79
C GLY A 40 -10.20 -3.45 7.77
N TRP A 41 -9.67 -2.52 6.97
CA TRP A 41 -8.26 -2.40 6.58
C TRP A 41 -7.69 -0.98 6.67
N ASN A 42 -6.37 -0.81 6.54
CA ASN A 42 -5.28 -1.81 6.43
C ASN A 42 -5.13 -2.71 7.67
N LYS A 43 -4.42 -3.84 7.49
CA LYS A 43 -4.09 -4.82 8.52
C LYS A 43 -3.05 -4.31 9.54
N LYS A 1 13.20 2.22 6.46
CA LYS A 1 13.74 2.70 5.17
C LYS A 1 13.83 1.57 4.13
N TYR A 2 14.90 0.79 4.13
CA TYR A 2 15.21 -0.25 3.11
C TYR A 2 14.46 -1.58 3.37
N TYR A 3 13.20 -1.55 3.79
CA TYR A 3 12.47 -2.72 4.32
C TYR A 3 12.28 -3.85 3.29
N GLY A 4 11.94 -3.50 2.05
CA GLY A 4 11.88 -4.36 0.87
C GLY A 4 13.26 -4.68 0.27
N ASN A 5 14.29 -4.84 1.12
CA ASN A 5 15.71 -5.04 0.84
C ASN A 5 16.42 -3.85 0.14
N GLY A 6 15.88 -3.37 -0.98
CA GLY A 6 16.43 -2.27 -1.79
C GLY A 6 15.56 -1.03 -1.97
N VAL A 7 14.37 -0.98 -1.34
CA VAL A 7 13.38 0.10 -1.51
C VAL A 7 13.76 1.41 -0.83
N HIS A 8 13.01 2.46 -1.15
CA HIS A 8 13.40 3.86 -0.90
C HIS A 8 12.19 4.77 -0.68
N CYS A 9 11.79 4.97 0.58
CA CYS A 9 10.61 5.75 0.98
C CYS A 9 10.87 6.80 2.07
N GLY A 10 9.84 7.61 2.34
CA GLY A 10 9.83 8.73 3.30
C GLY A 10 8.40 9.27 3.53
N LYS A 11 8.24 10.24 4.44
CA LYS A 11 6.93 10.72 4.92
C LYS A 11 6.04 11.41 3.86
N HIS A 12 6.60 11.86 2.74
CA HIS A 12 5.90 12.57 1.67
C HIS A 12 5.36 11.63 0.58
N SER A 13 6.19 11.36 -0.45
CA SER A 13 5.82 10.66 -1.69
C SER A 13 7.00 9.86 -2.21
N CYS A 14 6.81 8.55 -2.39
CA CYS A 14 7.82 7.57 -2.81
C CYS A 14 7.25 6.49 -3.76
N THR A 15 8.12 5.53 -4.13
CA THR A 15 7.80 4.32 -4.89
C THR A 15 8.58 3.14 -4.37
N VAL A 16 8.05 1.91 -4.50
CA VAL A 16 8.38 0.77 -3.64
C VAL A 16 8.14 -0.58 -4.33
N ASP A 17 8.84 -1.63 -3.87
CA ASP A 17 8.70 -3.01 -4.37
C ASP A 17 7.48 -3.73 -3.73
N TRP A 18 6.28 -3.22 -3.99
CA TRP A 18 5.03 -3.56 -3.28
C TRP A 18 3.82 -3.87 -4.18
N GLY A 19 3.98 -3.90 -5.51
CA GLY A 19 2.88 -3.91 -6.48
C GLY A 19 1.84 -5.02 -6.28
N THR A 20 2.25 -6.18 -5.80
CA THR A 20 1.37 -7.30 -5.46
C THR A 20 0.55 -7.10 -4.20
N ALA A 21 1.09 -6.40 -3.19
CA ALA A 21 0.34 -5.97 -2.01
C ALA A 21 -0.73 -4.92 -2.39
N ILE A 22 -0.41 -3.99 -3.31
CA ILE A 22 -1.35 -3.00 -3.84
C ILE A 22 -2.45 -3.69 -4.69
N GLY A 23 -2.11 -4.72 -5.47
CA GLY A 23 -3.08 -5.58 -6.14
C GLY A 23 -4.02 -6.30 -5.16
N ASN A 24 -3.46 -6.89 -4.09
CA ASN A 24 -4.22 -7.50 -3.02
C ASN A 24 -5.18 -6.49 -2.31
N ILE A 25 -4.73 -5.25 -2.04
CA ILE A 25 -5.56 -4.14 -1.51
C ILE A 25 -6.77 -3.91 -2.43
N GLY A 26 -6.56 -3.72 -3.75
CA GLY A 26 -7.61 -3.45 -4.73
C GLY A 26 -8.67 -4.57 -4.80
N ASN A 27 -8.22 -5.81 -4.94
CA ASN A 27 -9.09 -6.99 -5.02
C ASN A 27 -9.85 -7.25 -3.70
N ASN A 28 -9.19 -7.15 -2.55
CA ASN A 28 -9.83 -7.44 -1.24
C ASN A 28 -10.73 -6.31 -0.74
N ALA A 29 -10.46 -5.07 -1.11
CA ALA A 29 -11.43 -3.98 -1.00
C ALA A 29 -12.69 -4.24 -1.82
N ALA A 30 -12.58 -4.70 -3.08
CA ALA A 30 -13.72 -5.11 -3.88
C ALA A 30 -14.47 -6.32 -3.30
N ALA A 31 -13.80 -7.18 -2.52
CA ALA A 31 -14.40 -8.35 -1.87
C ALA A 31 -15.19 -8.03 -0.58
N ASN A 32 -14.77 -7.02 0.21
CA ASN A 32 -15.26 -6.78 1.57
C ASN A 32 -15.66 -5.32 1.91
N TRP A 33 -15.34 -4.34 1.06
CA TRP A 33 -15.55 -2.89 1.31
C TRP A 33 -16.15 -2.13 0.11
N ALA A 34 -16.61 -2.80 -0.95
CA ALA A 34 -17.09 -2.21 -2.21
C ALA A 34 -18.18 -1.13 -2.08
N THR A 35 -19.00 -1.16 -1.03
CA THR A 35 -20.01 -0.13 -0.69
C THR A 35 -19.43 1.21 -0.20
N GLY A 36 -18.13 1.24 0.12
CA GLY A 36 -17.38 2.40 0.62
C GLY A 36 -15.86 2.18 0.46
N GLY A 37 -15.43 1.83 -0.77
CA GLY A 37 -14.13 1.23 -1.12
C GLY A 37 -12.90 2.15 -1.05
N ASN A 38 -12.95 3.27 -0.34
CA ASN A 38 -11.88 4.27 -0.17
C ASN A 38 -10.75 3.79 0.78
N ALA A 39 -10.16 2.61 0.54
CA ALA A 39 -9.14 1.90 1.32
C ALA A 39 -9.50 1.60 2.79
N GLY A 40 -9.61 2.62 3.66
CA GLY A 40 -9.86 2.49 5.10
C GLY A 40 -8.62 2.21 5.96
N TRP A 41 -7.83 1.19 5.59
CA TRP A 41 -6.57 0.74 6.24
C TRP A 41 -5.36 1.69 6.00
N ASN A 42 -4.25 1.21 5.42
CA ASN A 42 -3.12 2.04 4.96
C ASN A 42 -3.46 2.83 3.68
N LYS A 43 -3.21 4.14 3.68
CA LYS A 43 -3.65 5.14 2.69
C LYS A 43 -2.82 6.43 2.74
N LYS A 1 19.54 0.79 -0.73
CA LYS A 1 18.12 0.74 -0.30
C LYS A 1 17.25 -0.06 -1.28
N TYR A 2 17.10 0.37 -2.54
CA TYR A 2 16.21 -0.27 -3.53
C TYR A 2 16.59 -1.74 -3.84
N TYR A 3 15.60 -2.53 -4.29
CA TYR A 3 15.79 -3.82 -4.97
C TYR A 3 14.94 -3.89 -6.27
N GLY A 4 13.65 -3.56 -6.18
CA GLY A 4 12.77 -3.14 -7.29
C GLY A 4 13.20 -1.77 -7.89
N ASN A 5 12.44 -1.24 -8.86
CA ASN A 5 12.72 0.04 -9.50
C ASN A 5 12.87 1.23 -8.53
N GLY A 6 12.10 1.22 -7.42
CA GLY A 6 12.14 2.25 -6.37
C GLY A 6 11.38 1.88 -5.09
N VAL A 7 11.17 0.58 -4.83
CA VAL A 7 10.21 0.02 -3.86
C VAL A 7 10.49 0.44 -2.43
N HIS A 8 11.73 0.29 -1.98
CA HIS A 8 12.13 0.70 -0.64
C HIS A 8 12.24 2.23 -0.59
N CYS A 9 11.18 2.84 -0.08
CA CYS A 9 10.89 4.28 -0.08
C CYS A 9 10.43 4.78 1.31
N GLY A 10 10.45 6.09 1.55
CA GLY A 10 10.15 6.70 2.85
C GLY A 10 8.68 6.62 3.27
N LYS A 11 7.75 6.43 2.32
CA LYS A 11 6.31 6.30 2.58
C LYS A 11 5.94 4.98 3.27
N HIS A 12 6.77 3.94 3.17
CA HIS A 12 6.59 2.56 3.65
C HIS A 12 5.33 1.78 3.21
N SER A 13 4.27 2.43 2.69
CA SER A 13 3.17 1.76 1.96
C SER A 13 3.61 1.24 0.58
N CYS A 14 4.81 1.63 0.12
CA CYS A 14 5.53 1.06 -1.02
C CYS A 14 6.13 -0.32 -0.62
N THR A 15 7.43 -0.37 -0.35
CA THR A 15 8.21 -1.49 0.20
C THR A 15 8.37 -2.72 -0.69
N VAL A 16 7.43 -3.02 -1.58
CA VAL A 16 7.51 -4.05 -2.63
C VAL A 16 6.85 -3.53 -3.90
N ASP A 17 6.98 -4.24 -5.02
CA ASP A 17 6.32 -3.92 -6.31
C ASP A 17 4.77 -3.80 -6.24
N TRP A 18 4.17 -4.25 -5.13
CA TRP A 18 2.75 -4.10 -4.78
C TRP A 18 2.28 -2.66 -4.50
N GLY A 19 3.18 -1.67 -4.42
CA GLY A 19 2.95 -0.32 -3.87
C GLY A 19 1.66 0.38 -4.35
N THR A 20 1.35 0.29 -5.64
CA THR A 20 0.14 0.86 -6.23
C THR A 20 -1.14 0.12 -5.86
N ALA A 21 -1.11 -1.21 -5.70
CA ALA A 21 -2.22 -1.99 -5.15
C ALA A 21 -2.47 -1.63 -3.67
N ILE A 22 -1.42 -1.50 -2.85
CA ILE A 22 -1.51 -0.97 -1.48
C ILE A 22 -2.10 0.45 -1.45
N GLY A 23 -1.69 1.32 -2.39
CA GLY A 23 -2.27 2.66 -2.58
C GLY A 23 -3.78 2.62 -2.83
N ASN A 24 -4.22 1.74 -3.75
CA ASN A 24 -5.66 1.52 -4.04
C ASN A 24 -6.45 0.98 -2.84
N ILE A 25 -5.89 -0.02 -2.12
CA ILE A 25 -6.50 -0.57 -0.91
C ILE A 25 -6.64 0.50 0.17
N GLY A 26 -5.61 1.33 0.38
CA GLY A 26 -5.64 2.48 1.32
C GLY A 26 -6.70 3.52 0.94
N ASN A 27 -6.84 3.85 -0.36
CA ASN A 27 -7.89 4.73 -0.87
C ASN A 27 -9.31 4.19 -0.59
N ASN A 28 -9.56 2.90 -0.83
CA ASN A 28 -10.85 2.27 -0.55
C ASN A 28 -11.10 2.00 0.95
N ALA A 29 -10.06 1.84 1.78
CA ALA A 29 -10.15 1.94 3.24
C ALA A 29 -10.69 3.33 3.65
N ALA A 30 -10.09 4.40 3.16
CA ALA A 30 -10.54 5.77 3.43
C ALA A 30 -11.96 6.04 2.92
N ALA A 31 -12.37 5.40 1.81
CA ALA A 31 -13.71 5.55 1.24
C ALA A 31 -14.80 4.76 2.01
N ASN A 32 -14.74 3.43 2.00
CA ASN A 32 -15.79 2.53 2.50
C ASN A 32 -15.88 2.43 4.05
N TRP A 33 -14.76 2.60 4.77
CA TRP A 33 -14.72 2.74 6.25
C TRP A 33 -14.82 4.21 6.68
N ALA A 34 -14.95 5.15 5.73
CA ALA A 34 -15.11 6.62 5.84
C ALA A 34 -13.96 7.40 6.52
N THR A 35 -13.06 6.70 7.22
CA THR A 35 -11.90 7.30 7.91
C THR A 35 -10.61 6.44 7.77
N GLY A 36 -10.66 5.29 7.09
CA GLY A 36 -9.57 4.32 7.04
C GLY A 36 -9.38 3.64 8.39
N GLY A 37 -8.20 3.78 8.99
CA GLY A 37 -7.82 3.16 10.27
C GLY A 37 -7.78 1.63 10.29
N ASN A 38 -7.87 0.99 9.12
CA ASN A 38 -7.87 -0.46 8.89
C ASN A 38 -7.03 -0.81 7.63
N ALA A 39 -6.42 -1.99 7.61
CA ALA A 39 -5.58 -2.49 6.52
C ALA A 39 -6.33 -2.83 5.20
N GLY A 40 -7.66 -2.84 5.21
CA GLY A 40 -8.50 -3.23 4.06
C GLY A 40 -8.50 -4.74 3.80
N TRP A 41 -9.03 -5.14 2.63
CA TRP A 41 -9.14 -6.55 2.21
C TRP A 41 -7.82 -7.26 1.85
N ASN A 42 -6.70 -6.52 1.85
CA ASN A 42 -5.32 -6.89 1.46
C ASN A 42 -5.04 -8.41 1.47
N LYS A 43 -5.05 -9.01 0.26
CA LYS A 43 -5.02 -10.46 0.00
C LYS A 43 -3.79 -11.19 0.55
N LYS A 1 -15.77 -0.36 8.51
CA LYS A 1 -16.33 -1.09 7.32
C LYS A 1 -15.74 -2.51 7.23
N TYR A 2 -16.49 -3.41 6.58
CA TYR A 2 -16.49 -4.88 6.74
C TYR A 2 -15.14 -5.62 6.62
N TYR A 3 -14.71 -6.04 5.42
CA TYR A 3 -13.65 -7.05 5.19
C TYR A 3 -12.76 -6.78 3.97
N GLY A 4 -11.67 -7.53 3.82
CA GLY A 4 -10.94 -7.72 2.54
C GLY A 4 -10.17 -6.49 2.02
N ASN A 5 -9.79 -6.56 0.76
CA ASN A 5 -9.12 -5.47 0.06
C ASN A 5 -10.13 -4.41 -0.43
N GLY A 6 -10.95 -4.73 -1.43
CA GLY A 6 -11.69 -3.75 -2.24
C GLY A 6 -12.88 -3.08 -1.53
N VAL A 7 -13.47 -3.72 -0.51
CA VAL A 7 -14.61 -3.15 0.23
C VAL A 7 -14.22 -1.88 0.98
N HIS A 8 -12.99 -1.88 1.54
CA HIS A 8 -12.45 -0.88 2.45
C HIS A 8 -12.22 0.50 1.81
N CYS A 9 -13.21 1.38 1.95
CA CYS A 9 -13.19 2.82 1.67
C CYS A 9 -13.24 3.16 0.16
N GLY A 10 -12.32 2.61 -0.64
CA GLY A 10 -12.15 2.95 -2.07
C GLY A 10 -11.62 4.36 -2.31
N LYS A 11 -11.47 4.76 -3.59
CA LYS A 11 -10.97 6.08 -4.10
C LYS A 11 -9.53 6.43 -3.65
N HIS A 12 -9.35 6.55 -2.34
CA HIS A 12 -8.09 6.85 -1.64
C HIS A 12 -7.61 5.70 -0.72
N SER A 13 -8.36 4.58 -0.68
CA SER A 13 -8.00 3.34 0.04
C SER A 13 -7.77 3.56 1.56
N CYS A 14 -8.60 4.42 2.17
CA CYS A 14 -8.35 5.06 3.48
C CYS A 14 -8.30 4.15 4.71
N THR A 15 -8.71 2.88 4.62
CA THR A 15 -8.71 1.93 5.77
C THR A 15 -8.34 0.47 5.40
N VAL A 16 -7.84 0.22 4.18
CA VAL A 16 -7.54 -1.10 3.65
C VAL A 16 -6.50 -1.87 4.51
N ASP A 17 -6.59 -3.20 4.55
CA ASP A 17 -5.70 -4.13 5.28
C ASP A 17 -4.22 -4.16 4.81
N TRP A 18 -3.89 -3.40 3.77
CA TRP A 18 -2.55 -3.27 3.15
C TRP A 18 -1.49 -2.56 4.01
N GLY A 19 -1.83 -2.16 5.24
CA GLY A 19 -1.02 -1.41 6.21
C GLY A 19 0.47 -1.81 6.29
N THR A 20 0.78 -3.11 6.35
CA THR A 20 2.15 -3.62 6.39
C THR A 20 2.86 -3.62 5.02
N ALA A 21 2.16 -3.79 3.90
CA ALA A 21 2.72 -3.63 2.56
C ALA A 21 3.14 -2.17 2.33
N ILE A 22 2.24 -1.19 2.55
CA ILE A 22 2.56 0.23 2.45
C ILE A 22 3.63 0.66 3.49
N GLY A 23 3.75 -0.01 4.63
CA GLY A 23 4.85 0.17 5.57
C GLY A 23 6.20 -0.28 5.00
N ASN A 24 6.26 -1.49 4.43
CA ASN A 24 7.42 -2.04 3.76
C ASN A 24 7.86 -1.21 2.54
N ILE A 25 6.91 -0.74 1.72
CA ILE A 25 7.18 0.16 0.59
C ILE A 25 7.85 1.46 1.09
N GLY A 26 7.28 2.10 2.12
CA GLY A 26 7.85 3.29 2.79
C GLY A 26 9.27 3.06 3.31
N ASN A 27 9.48 1.95 4.02
CA ASN A 27 10.80 1.49 4.50
C ASN A 27 11.81 1.35 3.36
N ASN A 28 11.46 0.66 2.27
CA ASN A 28 12.30 0.42 1.10
C ASN A 28 12.59 1.70 0.28
N ALA A 29 11.64 2.64 0.21
CA ALA A 29 11.89 3.99 -0.32
C ALA A 29 12.94 4.73 0.53
N ALA A 30 12.87 4.65 1.86
CA ALA A 30 13.91 5.20 2.76
C ALA A 30 15.26 4.44 2.67
N ALA A 31 15.25 3.14 2.35
CA ALA A 31 16.46 2.33 2.31
C ALA A 31 17.28 2.55 1.04
N ASN A 32 16.63 2.54 -0.14
CA ASN A 32 17.26 2.50 -1.47
C ASN A 32 16.49 3.25 -2.58
N TRP A 33 15.47 4.05 -2.23
CA TRP A 33 14.60 4.77 -3.18
C TRP A 33 13.97 3.82 -4.21
N ALA A 34 13.55 2.64 -3.74
CA ALA A 34 12.98 1.56 -4.55
C ALA A 34 13.88 1.12 -5.73
N THR A 35 15.20 1.24 -5.58
CA THR A 35 16.26 1.06 -6.60
C THR A 35 16.11 1.98 -7.83
N GLY A 36 15.29 3.04 -7.75
CA GLY A 36 14.86 3.92 -8.84
C GLY A 36 13.37 3.80 -9.21
N GLY A 37 12.60 3.03 -8.44
CA GLY A 37 11.18 2.72 -8.71
C GLY A 37 10.93 1.31 -9.28
N ASN A 38 12.00 0.58 -9.58
CA ASN A 38 11.98 -0.72 -10.24
C ASN A 38 11.64 -1.89 -9.29
N ALA A 39 11.72 -1.69 -7.96
CA ALA A 39 11.35 -2.68 -6.96
C ALA A 39 9.83 -2.98 -7.03
N GLY A 40 9.46 -4.26 -6.92
CA GLY A 40 8.11 -4.76 -7.24
C GLY A 40 7.16 -4.81 -6.03
N TRP A 41 5.98 -4.21 -6.17
CA TRP A 41 4.83 -4.31 -5.25
C TRP A 41 3.48 -4.20 -5.98
N ASN A 42 2.39 -4.07 -5.22
CA ASN A 42 1.00 -3.84 -5.68
C ASN A 42 0.79 -2.51 -6.47
N LYS A 43 1.32 -2.44 -7.70
CA LYS A 43 1.21 -1.32 -8.67
C LYS A 43 1.03 -1.80 -10.12
N LYS A 1 -8.83 -7.48 -1.97
CA LYS A 1 -9.55 -8.10 -0.84
C LYS A 1 -11.04 -8.24 -1.15
N TYR A 2 -11.85 -8.74 -0.20
CA TYR A 2 -13.20 -9.32 -0.38
C TYR A 2 -14.26 -8.41 -1.04
N TYR A 3 -14.10 -7.09 -0.97
CA TYR A 3 -14.97 -6.08 -1.56
C TYR A 3 -14.14 -4.90 -2.11
N GLY A 4 -13.41 -4.19 -1.23
CA GLY A 4 -12.34 -3.26 -1.56
C GLY A 4 -12.73 -1.83 -1.84
N ASN A 5 -13.88 -1.61 -2.48
CA ASN A 5 -14.32 -0.30 -3.02
C ASN A 5 -14.66 0.76 -1.94
N GLY A 6 -14.48 0.46 -0.66
CA GLY A 6 -14.69 1.36 0.48
C GLY A 6 -14.59 0.69 1.86
N VAL A 7 -14.78 -0.63 1.94
CA VAL A 7 -14.73 -1.44 3.17
C VAL A 7 -13.91 -2.72 2.98
N HIS A 8 -13.24 -3.15 4.06
CA HIS A 8 -12.09 -4.09 4.06
C HIS A 8 -11.59 -4.26 5.49
N CYS A 9 -11.56 -5.49 6.03
CA CYS A 9 -11.39 -5.80 7.46
C CYS A 9 -12.40 -5.05 8.37
N GLY A 10 -13.58 -4.69 7.84
CA GLY A 10 -14.59 -3.76 8.38
C GLY A 10 -15.11 -4.05 9.81
N LYS A 11 -14.89 -5.27 10.33
CA LYS A 11 -15.15 -5.61 11.75
C LYS A 11 -14.34 -4.72 12.73
N HIS A 12 -13.16 -4.25 12.31
CA HIS A 12 -12.36 -3.21 13.03
C HIS A 12 -11.52 -2.30 12.12
N SER A 13 -11.77 -2.29 10.81
CA SER A 13 -11.14 -1.46 9.78
C SER A 13 -9.60 -1.51 9.80
N CYS A 14 -9.04 -2.72 10.00
CA CYS A 14 -7.61 -2.92 10.19
C CYS A 14 -6.72 -2.67 8.94
N THR A 15 -7.31 -2.44 7.76
CA THR A 15 -6.59 -2.30 6.47
C THR A 15 -7.31 -1.34 5.50
N VAL A 16 -6.69 -1.11 4.33
CA VAL A 16 -7.30 -0.56 3.12
C VAL A 16 -6.83 -1.42 1.93
N ASP A 17 -7.68 -1.57 0.91
CA ASP A 17 -7.47 -2.45 -0.26
C ASP A 17 -6.23 -2.12 -1.14
N TRP A 18 -5.55 -1.00 -0.90
CA TRP A 18 -4.30 -0.54 -1.54
C TRP A 18 -3.05 -1.38 -1.21
N GLY A 19 -3.15 -2.40 -0.35
CA GLY A 19 -2.08 -3.22 0.18
C GLY A 19 -0.94 -3.58 -0.78
N THR A 20 -1.29 -4.14 -1.94
CA THR A 20 -0.28 -4.58 -2.93
C THR A 20 0.40 -3.42 -3.67
N ALA A 21 -0.31 -2.31 -3.90
CA ALA A 21 0.25 -1.10 -4.49
C ALA A 21 1.31 -0.48 -3.55
N ILE A 22 0.96 -0.24 -2.27
CA ILE A 22 1.88 0.25 -1.28
C ILE A 22 2.97 -0.76 -0.93
N GLY A 23 2.73 -2.06 -1.09
CA GLY A 23 3.73 -3.12 -0.89
C GLY A 23 4.80 -3.11 -1.98
N ASN A 24 4.40 -2.97 -3.24
CA ASN A 24 5.32 -2.80 -4.39
C ASN A 24 6.13 -1.50 -4.26
N ILE A 25 5.48 -0.39 -3.87
CA ILE A 25 6.15 0.88 -3.49
C ILE A 25 7.22 0.64 -2.43
N GLY A 26 6.84 0.13 -1.24
CA GLY A 26 7.77 -0.12 -0.12
C GLY A 26 8.95 -1.01 -0.49
N ASN A 27 8.69 -2.15 -1.15
CA ASN A 27 9.69 -3.12 -1.57
C ASN A 27 10.72 -2.48 -2.52
N ASN A 28 10.28 -1.93 -3.65
CA ASN A 28 11.20 -1.40 -4.67
C ASN A 28 11.80 -0.05 -4.27
N ALA A 29 11.16 0.76 -3.41
CA ALA A 29 11.80 1.88 -2.73
C ALA A 29 13.04 1.41 -1.93
N ALA A 30 12.90 0.42 -1.06
CA ALA A 30 14.00 -0.16 -0.29
C ALA A 30 15.09 -0.83 -1.17
N ALA A 31 14.71 -1.39 -2.33
CA ALA A 31 15.65 -2.10 -3.22
C ALA A 31 16.45 -1.20 -4.22
N ASN A 32 15.97 0.01 -4.54
CA ASN A 32 16.49 0.83 -5.64
C ASN A 32 16.75 2.32 -5.32
N TRP A 33 16.08 2.91 -4.32
CA TRP A 33 16.40 4.27 -3.81
C TRP A 33 17.47 4.22 -2.71
N ALA A 34 18.06 5.39 -2.41
CA ALA A 34 19.02 5.59 -1.34
C ALA A 34 18.43 5.60 0.09
N THR A 35 17.10 5.44 0.20
CA THR A 35 16.25 5.51 1.41
C THR A 35 16.45 6.74 2.30
N GLY A 36 17.01 7.81 1.72
CA GLY A 36 17.22 9.10 2.37
C GLY A 36 16.00 10.05 2.26
N GLY A 37 16.22 11.33 2.58
CA GLY A 37 15.19 12.39 2.48
C GLY A 37 14.58 12.59 1.08
N ASN A 38 15.25 12.06 0.06
CA ASN A 38 14.78 11.86 -1.33
C ASN A 38 13.63 10.82 -1.48
N ALA A 39 12.95 10.44 -0.38
CA ALA A 39 11.90 9.43 -0.28
C ALA A 39 10.84 9.48 -1.42
N GLY A 40 10.64 8.34 -2.08
CA GLY A 40 9.67 8.12 -3.16
C GLY A 40 9.51 6.61 -3.48
N TRP A 41 8.64 6.22 -4.41
CA TRP A 41 7.76 7.01 -5.27
C TRP A 41 6.27 6.81 -4.91
N ASN A 42 5.37 7.49 -5.59
CA ASN A 42 3.93 7.22 -5.55
C ASN A 42 3.27 7.23 -6.96
N LYS A 43 2.16 6.50 -7.11
CA LYS A 43 1.42 6.29 -8.38
C LYS A 43 -0.11 6.30 -8.18
N LYS A 1 9.07 9.32 -6.62
CA LYS A 1 9.74 8.51 -5.56
C LYS A 1 10.27 7.17 -6.10
N TYR A 2 9.40 6.17 -6.30
CA TYR A 2 9.79 4.81 -6.63
C TYR A 2 10.37 4.65 -8.05
N TYR A 3 11.09 3.54 -8.27
CA TYR A 3 11.93 3.24 -9.44
C TYR A 3 12.24 1.73 -9.53
N GLY A 4 12.78 1.14 -8.46
CA GLY A 4 13.31 -0.23 -8.44
C GLY A 4 14.34 -0.46 -7.33
N ASN A 5 14.81 -1.70 -7.24
CA ASN A 5 15.78 -2.29 -6.29
C ASN A 5 15.73 -1.74 -4.85
N GLY A 6 16.52 -0.70 -4.56
CA GLY A 6 16.83 -0.18 -3.22
C GLY A 6 16.30 1.22 -2.90
N VAL A 7 15.54 1.85 -3.81
CA VAL A 7 15.03 3.24 -3.69
C VAL A 7 13.99 3.44 -2.58
N HIS A 8 13.34 2.36 -2.15
CA HIS A 8 12.07 2.35 -1.39
C HIS A 8 12.20 2.83 0.08
N CYS A 9 11.04 3.12 0.68
CA CYS A 9 10.77 2.90 2.11
C CYS A 9 11.00 1.42 2.51
N GLY A 10 11.09 1.14 3.82
CA GLY A 10 11.53 -0.17 4.33
C GLY A 10 10.76 -0.68 5.54
N LYS A 11 11.20 -1.85 6.05
CA LYS A 11 10.84 -2.56 7.28
C LYS A 11 9.35 -2.79 7.67
N HIS A 12 8.41 -2.31 6.85
CA HIS A 12 6.97 -2.51 6.94
C HIS A 12 6.41 -3.09 5.64
N SER A 13 5.35 -2.49 5.05
CA SER A 13 4.69 -2.88 3.79
C SER A 13 4.73 -1.79 2.71
N CYS A 14 5.35 -0.65 3.01
CA CYS A 14 5.56 0.46 2.07
C CYS A 14 6.58 0.10 0.97
N THR A 15 7.57 -0.73 1.33
CA THR A 15 8.58 -1.38 0.47
C THR A 15 8.02 -1.93 -0.84
N VAL A 16 8.84 -1.95 -1.91
CA VAL A 16 8.57 -2.39 -3.31
C VAL A 16 7.86 -1.28 -4.11
N ASP A 17 8.03 -1.27 -5.43
CA ASP A 17 7.61 -0.23 -6.38
C ASP A 17 6.09 0.06 -6.42
N TRP A 18 5.26 -0.86 -5.90
CA TRP A 18 3.80 -0.76 -5.81
C TRP A 18 3.28 0.29 -4.81
N GLY A 19 4.16 1.00 -4.12
CA GLY A 19 3.90 1.75 -2.88
C GLY A 19 2.74 2.76 -2.95
N THR A 20 2.54 3.43 -4.09
CA THR A 20 1.40 4.34 -4.28
C THR A 20 0.07 3.62 -4.41
N ALA A 21 0.00 2.44 -5.05
CA ALA A 21 -1.19 1.59 -5.07
C ALA A 21 -1.52 1.10 -3.65
N ILE A 22 -0.51 0.59 -2.92
CA ILE A 22 -0.66 0.18 -1.50
C ILE A 22 -1.11 1.36 -0.63
N GLY A 23 -0.62 2.60 -0.85
CA GLY A 23 -1.03 3.80 -0.13
C GLY A 23 -2.51 4.15 -0.39
N ASN A 24 -2.94 4.10 -1.65
CA ASN A 24 -4.33 4.33 -2.08
C ASN A 24 -5.29 3.29 -1.48
N ILE A 25 -4.93 1.99 -1.54
CA ILE A 25 -5.63 0.91 -0.85
C ILE A 25 -5.76 1.21 0.66
N GLY A 26 -4.65 1.51 1.32
CA GLY A 26 -4.61 1.82 2.75
C GLY A 26 -5.49 3.01 3.16
N ASN A 27 -5.49 4.08 2.37
CA ASN A 27 -6.38 5.25 2.52
C ASN A 27 -7.87 4.88 2.42
N ASN A 28 -8.27 4.05 1.45
CA ASN A 28 -9.67 3.63 1.29
C ASN A 28 -10.07 2.56 2.31
N ALA A 29 -9.15 1.70 2.75
CA ALA A 29 -9.31 0.82 3.89
C ALA A 29 -9.65 1.60 5.18
N ALA A 30 -8.91 2.69 5.45
CA ALA A 30 -9.19 3.62 6.55
C ALA A 30 -10.51 4.40 6.36
N ALA A 31 -10.94 4.67 5.12
CA ALA A 31 -12.18 5.39 4.83
C ALA A 31 -13.44 4.53 4.99
N ASN A 32 -13.42 3.28 4.54
CA ASN A 32 -14.64 2.48 4.30
C ASN A 32 -14.64 1.06 4.91
N TRP A 33 -13.51 0.56 5.43
CA TRP A 33 -13.33 -0.83 5.94
C TRP A 33 -12.54 -0.92 7.28
N ALA A 34 -12.39 0.19 8.01
CA ALA A 34 -11.66 0.32 9.28
C ALA A 34 -12.18 -0.58 10.44
N THR A 35 -13.32 -1.25 10.26
CA THR A 35 -13.81 -2.34 11.12
C THR A 35 -12.89 -3.58 11.16
N GLY A 36 -11.96 -3.72 10.22
CA GLY A 36 -10.87 -4.71 10.26
C GLY A 36 -10.25 -5.14 8.92
N GLY A 37 -10.67 -4.60 7.77
CA GLY A 37 -10.19 -5.00 6.43
C GLY A 37 -10.76 -6.32 5.90
N ASN A 38 -11.73 -6.90 6.61
CA ASN A 38 -12.43 -8.15 6.25
C ASN A 38 -13.95 -8.02 6.53
N ALA A 39 -14.81 -7.72 5.56
CA ALA A 39 -14.55 -7.45 4.15
C ALA A 39 -13.66 -6.20 3.92
N GLY A 40 -13.06 -6.09 2.74
CA GLY A 40 -12.11 -5.02 2.37
C GLY A 40 -11.40 -5.31 1.05
N TRP A 41 -10.47 -4.42 0.70
CA TRP A 41 -9.81 -4.39 -0.61
C TRP A 41 -8.54 -5.26 -0.68
N ASN A 42 -7.44 -4.78 -1.28
CA ASN A 42 -6.36 -5.52 -1.97
C ASN A 42 -6.86 -6.41 -3.15
N LYS A 43 -5.90 -6.78 -4.03
CA LYS A 43 -6.14 -7.55 -5.27
C LYS A 43 -6.54 -9.00 -5.02
N LYS A 1 -11.55 0.61 8.73
CA LYS A 1 -12.84 -0.15 8.70
C LYS A 1 -12.64 -1.56 8.12
N TYR A 2 -13.44 -2.52 8.60
CA TYR A 2 -13.58 -3.90 8.18
C TYR A 2 -12.30 -4.67 7.79
N TYR A 3 -12.45 -5.73 6.97
CA TYR A 3 -11.54 -6.89 6.80
C TYR A 3 -11.31 -7.22 5.30
N GLY A 4 -10.50 -8.24 5.00
CA GLY A 4 -10.37 -8.84 3.65
C GLY A 4 -9.77 -7.93 2.59
N ASN A 5 -10.11 -8.19 1.32
CA ASN A 5 -9.55 -7.46 0.17
C ASN A 5 -10.04 -6.00 0.07
N GLY A 6 -11.34 -5.75 -0.13
CA GLY A 6 -11.90 -4.47 -0.60
C GLY A 6 -13.00 -3.86 0.27
N VAL A 7 -13.33 -4.47 1.42
CA VAL A 7 -14.40 -4.03 2.34
C VAL A 7 -14.09 -2.71 3.07
N HIS A 8 -12.81 -2.29 3.03
CA HIS A 8 -12.23 -1.11 3.70
C HIS A 8 -12.61 0.25 3.11
N CYS A 9 -13.44 0.32 2.07
CA CYS A 9 -13.42 1.39 1.07
C CYS A 9 -14.75 2.15 0.93
N GLY A 10 -14.66 3.27 0.20
CA GLY A 10 -15.75 4.03 -0.42
C GLY A 10 -15.51 4.24 -1.93
N LYS A 11 -16.24 5.18 -2.55
CA LYS A 11 -16.19 5.50 -3.99
C LYS A 11 -14.84 5.98 -4.51
N HIS A 12 -13.96 6.49 -3.63
CA HIS A 12 -12.59 6.97 -3.92
C HIS A 12 -11.61 6.44 -2.89
N SER A 13 -11.76 6.84 -1.63
CA SER A 13 -10.92 6.41 -0.48
C SER A 13 -10.93 4.89 -0.28
N CYS A 14 -9.83 4.21 -0.58
CA CYS A 14 -9.73 2.74 -0.51
C CYS A 14 -8.33 2.24 -0.10
N THR A 15 -8.28 1.05 0.50
CA THR A 15 -7.06 0.31 0.88
C THR A 15 -7.33 -1.20 0.92
N VAL A 16 -6.31 -2.00 1.24
CA VAL A 16 -6.31 -3.46 1.29
C VAL A 16 -5.68 -3.94 2.60
N ASP A 17 -5.91 -5.20 3.00
CA ASP A 17 -5.20 -5.86 4.11
C ASP A 17 -3.73 -6.21 3.71
N TRP A 18 -2.90 -5.18 3.48
CA TRP A 18 -1.54 -5.25 2.93
C TRP A 18 -0.49 -4.39 3.65
N GLY A 19 -0.83 -3.74 4.77
CA GLY A 19 -0.06 -2.62 5.38
C GLY A 19 1.41 -2.94 5.68
N THR A 20 1.72 -4.16 6.10
CA THR A 20 3.09 -4.64 6.38
C THR A 20 3.91 -4.93 5.11
N ALA A 21 3.28 -5.42 4.06
CA ALA A 21 3.89 -5.53 2.73
C ALA A 21 4.20 -4.15 2.12
N ILE A 22 3.27 -3.19 2.27
CA ILE A 22 3.46 -1.78 1.88
C ILE A 22 4.61 -1.15 2.71
N GLY A 23 4.70 -1.43 4.01
CA GLY A 23 5.81 -1.00 4.88
C GLY A 23 7.17 -1.53 4.41
N ASN A 24 7.26 -2.82 4.10
CA ASN A 24 8.47 -3.46 3.54
C ASN A 24 8.86 -2.86 2.17
N ILE A 25 7.88 -2.61 1.28
CA ILE A 25 8.04 -1.88 0.01
C ILE A 25 8.61 -0.48 0.23
N GLY A 26 8.09 0.28 1.22
CA GLY A 26 8.60 1.61 1.58
C GLY A 26 10.05 1.57 2.06
N ASN A 27 10.40 0.62 2.93
CA ASN A 27 11.75 0.37 3.41
C ASN A 27 12.71 -0.01 2.25
N ASN A 28 12.24 -0.80 1.27
CA ASN A 28 13.04 -1.14 0.10
C ASN A 28 13.18 0.00 -0.92
N ALA A 29 12.19 0.86 -1.13
CA ALA A 29 12.36 2.14 -1.83
C ALA A 29 13.42 3.02 -1.13
N ALA A 30 13.41 3.09 0.20
CA ALA A 30 14.41 3.82 0.98
C ALA A 30 15.82 3.20 0.94
N ALA A 31 15.95 1.87 0.77
CA ALA A 31 17.23 1.17 0.83
C ALA A 31 17.86 0.85 -0.55
N ASN A 32 17.02 0.59 -1.56
CA ASN A 32 17.37 0.03 -2.87
C ASN A 32 16.72 0.80 -4.04
N TRP A 33 15.81 1.76 -3.74
CA TRP A 33 15.14 2.67 -4.69
C TRP A 33 14.10 2.01 -5.60
N ALA A 34 14.50 1.01 -6.39
CA ALA A 34 13.66 0.26 -7.32
C ALA A 34 12.75 1.16 -8.18
N THR A 35 13.33 2.24 -8.70
CA THR A 35 12.76 3.37 -9.49
C THR A 35 11.69 4.23 -8.76
N GLY A 36 11.33 3.89 -7.52
CA GLY A 36 10.31 4.58 -6.71
C GLY A 36 10.93 5.64 -5.79
N GLY A 37 11.58 5.20 -4.71
CA GLY A 37 12.34 6.02 -3.77
C GLY A 37 11.52 6.93 -2.82
N ASN A 38 10.19 6.92 -2.95
CA ASN A 38 9.25 7.86 -2.30
C ASN A 38 8.27 7.13 -1.35
N ALA A 39 8.84 6.48 -0.33
CA ALA A 39 8.11 5.61 0.61
C ALA A 39 7.28 4.49 -0.05
N GLY A 40 7.65 4.10 -1.26
CA GLY A 40 7.03 3.07 -2.07
C GLY A 40 7.43 3.13 -3.55
N TRP A 41 6.73 2.33 -4.37
CA TRP A 41 6.93 2.21 -5.82
C TRP A 41 5.60 2.47 -6.58
N ASN A 42 4.85 1.42 -6.94
CA ASN A 42 3.37 1.49 -6.88
C ASN A 42 2.90 1.76 -5.42
N LYS A 43 1.65 2.25 -5.28
CA LYS A 43 1.01 2.63 -4.00
C LYS A 43 -0.47 2.96 -4.18
#